data_4XXE
#
_entry.id   4XXE
#
_cell.length_a   96.760
_cell.length_b   96.760
_cell.length_c   51.110
_cell.angle_alpha   90.00
_cell.angle_beta   90.00
_cell.angle_gamma   90.00
#
_symmetry.space_group_name_H-M   'P 42'
#
loop_
_entity.id
_entity.type
_entity.pdbx_description
1 polymer 'Accessory gene regulator A'
2 polymer "DNA (5'-D(P*TP*AP*CP*AP*GP*TP*TP*AP*GP*GP*CP*AP*A)-3')"
3 polymer "DNA (5'-D(*AP*TP*TP*GP*CP*CP*TP*AP*AP*CP*TP*GP*TP*AP*G)-3')"
4 polymer "DNA (5'-D(P*TP*AP*CP*AP*GP*TP*TP*AP*GP*GP*CP*AP*T)-3')"
#
loop_
_entity_poly.entity_id
_entity_poly.type
_entity_poly.pdbx_seq_one_letter_code
_entity_poly.pdbx_strand_id
1 'polypeptide(L)'
;VETIELKRGSNSVYVQYDDIMFFESSTKSHRLIAHLDNRQIEFYGNLKELSQLDDRFFRCHNSFVVNRHNIESIDSKERI
VYFKNKEHCYASVRNVKKI
;
A,D
2 'polydeoxyribonucleotide' (DT)(DA)(DC)(DA)(DG)(DT)(DT)(DA)(DG)(DG)(DC)(DA)(DA) B
3 'polydeoxyribonucleotide' (DA)(DT)(DT)(DG)(DC)(DC)(DT)(DA)(DA)(DC)(DT)(DG)(DT)(DA)(DG) C,F
4 'polydeoxyribonucleotide' (DT)(DA)(DC)(DA)(DG)(DT)(DT)(DA)(DG)(DG)(DC)(DA)(DT) E
#
loop_
_chem_comp.id
_chem_comp.type
_chem_comp.name
_chem_comp.formula
DA DNA linking 2'-DEOXYADENOSINE-5'-MONOPHOSPHATE 'C10 H14 N5 O6 P'
DC DNA linking 2'-DEOXYCYTIDINE-5'-MONOPHOSPHATE 'C9 H14 N3 O7 P'
DG DNA linking 2'-DEOXYGUANOSINE-5'-MONOPHOSPHATE 'C10 H14 N5 O7 P'
DT DNA linking THYMIDINE-5'-MONOPHOSPHATE 'C10 H15 N2 O8 P'
#
# COMPACT_ATOMS: atom_id res chain seq x y z
N VAL A 1 6.97 -22.14 13.90
CA VAL A 1 6.42 -23.29 13.10
C VAL A 1 6.57 -23.02 11.56
N GLU A 2 5.76 -22.09 11.03
CA GLU A 2 5.93 -21.53 9.69
C GLU A 2 6.11 -20.01 9.77
N THR A 3 7.29 -19.58 10.21
CA THR A 3 7.58 -18.16 10.46
C THR A 3 8.43 -17.62 9.34
N ILE A 4 8.28 -16.33 9.06
CA ILE A 4 9.15 -15.61 8.15
C ILE A 4 9.54 -14.27 8.77
N GLU A 5 10.82 -13.88 8.65
CA GLU A 5 11.25 -12.55 9.04
C GLU A 5 11.08 -11.56 7.88
N LEU A 6 10.44 -10.44 8.16
CA LEU A 6 10.37 -9.29 7.27
C LEU A 6 11.39 -8.27 7.75
N LYS A 7 12.50 -8.21 7.03
CA LYS A 7 13.64 -7.46 7.50
C LYS A 7 13.39 -5.97 7.31
N ARG A 8 13.58 -5.17 8.36
CA ARG A 8 13.25 -3.73 8.35
C ARG A 8 14.35 -2.78 8.87
N GLY A 9 15.58 -3.28 9.02
CA GLY A 9 16.68 -2.47 9.52
C GLY A 9 16.78 -2.31 11.03
N SER A 10 16.04 -1.33 11.56
CA SER A 10 16.06 -0.99 13.00
C SER A 10 15.15 -1.91 13.83
N ASN A 11 14.40 -2.78 13.15
CA ASN A 11 13.89 -3.99 13.76
C ASN A 11 13.62 -5.03 12.66
N SER A 12 13.02 -6.14 13.01
CA SER A 12 12.36 -6.96 12.01
C SER A 12 10.98 -7.25 12.49
N VAL A 13 10.12 -7.59 11.57
CA VAL A 13 8.80 -8.08 11.94
C VAL A 13 8.80 -9.53 11.55
N TYR A 14 8.29 -10.39 12.42
CA TYR A 14 8.22 -11.81 12.12
C TYR A 14 6.76 -12.16 12.06
N VAL A 15 6.37 -12.98 11.08
CA VAL A 15 4.98 -13.37 10.89
C VAL A 15 4.91 -14.79 10.46
N GLN A 16 3.72 -15.36 10.56
CA GLN A 16 3.44 -16.70 10.03
C GLN A 16 3.09 -16.61 8.55
N TYR A 17 3.41 -17.64 7.79
CA TYR A 17 3.03 -17.73 6.37
C TYR A 17 1.59 -17.30 6.13
N ASP A 18 0.68 -17.93 6.84
CA ASP A 18 -0.74 -17.74 6.56
C ASP A 18 -1.34 -16.52 7.23
N ASP A 19 -0.55 -15.78 8.04
CA ASP A 19 -0.93 -14.41 8.46
C ASP A 19 -1.01 -13.44 7.23
N ILE A 20 -0.27 -13.80 6.17
CA ILE A 20 -0.05 -12.97 4.99
C ILE A 20 -1.06 -13.33 3.93
N MET A 21 -1.77 -12.30 3.49
CA MET A 21 -2.68 -12.42 2.37
C MET A 21 -1.83 -12.48 1.08
N PHE A 22 -1.02 -11.45 0.90
CA PHE A 22 -0.12 -11.33 -0.24
C PHE A 22 0.96 -10.26 -0.03
N PHE A 23 1.91 -10.24 -0.97
CA PHE A 23 2.97 -9.25 -0.99
C PHE A 23 2.82 -8.47 -2.26
N GLU A 24 3.18 -7.19 -2.22
CA GLU A 24 3.32 -6.37 -3.43
C GLU A 24 4.55 -5.46 -3.30
N SER A 25 4.95 -4.87 -4.41
CA SER A 25 6.06 -3.94 -4.46
C SER A 25 5.72 -2.57 -3.87
N SER A 26 6.63 -1.96 -3.11
CA SER A 26 6.49 -0.57 -2.66
C SER A 26 7.02 0.43 -3.72
N THR A 27 6.73 1.73 -3.56
CA THR A 27 7.40 2.79 -4.33
C THR A 27 8.81 3.08 -3.82
N LYS A 28 9.11 2.63 -2.60
CA LYS A 28 10.48 2.67 -2.04
C LYS A 28 11.33 1.55 -2.62
N SER A 29 12.53 1.90 -3.07
CA SER A 29 13.51 0.98 -3.70
C SER A 29 13.84 -0.31 -2.92
N HIS A 30 13.69 -1.44 -3.58
CA HIS A 30 13.91 -2.76 -2.97
C HIS A 30 13.09 -3.07 -1.70
N ARG A 31 11.94 -2.39 -1.55
CA ARG A 31 10.99 -2.71 -0.50
C ARG A 31 9.70 -3.32 -1.03
N LEU A 32 9.18 -4.23 -0.26
CA LEU A 32 7.90 -4.81 -0.51
C LEU A 32 6.97 -4.36 0.62
N ILE A 33 5.69 -4.69 0.45
CA ILE A 33 4.65 -4.45 1.42
C ILE A 33 3.95 -5.75 1.60
N ALA A 34 4.02 -6.27 2.81
CA ALA A 34 3.33 -7.46 3.17
C ALA A 34 1.93 -7.06 3.62
N HIS A 35 0.95 -7.71 3.03
CA HIS A 35 -0.41 -7.46 3.40
C HIS A 35 -0.88 -8.58 4.31
N LEU A 36 -1.14 -8.19 5.56
CA LEU A 36 -1.68 -9.08 6.58
C LEU A 36 -3.16 -8.77 6.72
N ASP A 37 -3.85 -9.43 7.65
CA ASP A 37 -5.32 -9.36 7.75
C ASP A 37 -5.79 -7.91 7.73
N ASN A 38 -5.25 -7.07 8.60
CA ASN A 38 -5.56 -5.62 8.51
C ASN A 38 -4.42 -4.68 8.92
N ARG A 39 -3.21 -5.09 8.51
CA ARG A 39 -2.02 -4.24 8.56
C ARG A 39 -1.17 -4.49 7.31
N GLN A 40 -0.38 -3.49 6.91
CA GLN A 40 0.57 -3.59 5.79
C GLN A 40 1.92 -3.20 6.30
N ILE A 41 2.91 -4.00 5.94
CA ILE A 41 4.21 -3.88 6.57
C ILE A 41 5.23 -3.71 5.49
N GLU A 42 5.98 -2.61 5.58
CA GLU A 42 7.07 -2.26 4.65
C GLU A 42 8.32 -3.06 5.01
N PHE A 43 8.98 -3.70 4.04
CA PHE A 43 10.18 -4.49 4.35
C PHE A 43 11.06 -4.77 3.18
N TYR A 44 12.32 -5.11 3.47
CA TYR A 44 13.37 -5.43 2.48
C TYR A 44 13.28 -6.89 2.01
N GLY A 45 13.04 -7.10 0.72
CA GLY A 45 12.94 -8.45 0.17
C GLY A 45 12.70 -8.51 -1.32
N ASN A 46 12.65 -9.72 -1.86
CA ASN A 46 12.37 -9.93 -3.28
C ASN A 46 11.29 -10.96 -3.44
N LEU A 47 10.38 -10.64 -4.35
CA LEU A 47 9.19 -11.44 -4.60
C LEU A 47 9.58 -12.86 -4.96
N LYS A 48 10.61 -12.98 -5.80
CA LYS A 48 11.03 -14.24 -6.33
C LYS A 48 11.29 -15.27 -5.21
N GLU A 49 12.12 -14.90 -4.23
CA GLU A 49 12.54 -15.87 -3.21
C GLU A 49 11.35 -16.29 -2.35
N LEU A 50 10.41 -15.36 -2.18
CA LEU A 50 9.22 -15.60 -1.36
C LEU A 50 8.29 -16.64 -2.00
N SER A 51 8.11 -16.55 -3.31
CA SER A 51 7.37 -17.57 -4.03
C SER A 51 8.08 -18.95 -4.00
N GLN A 52 9.41 -18.95 -3.92
CA GLN A 52 10.18 -20.19 -3.77
C GLN A 52 10.20 -20.78 -2.36
N LEU A 53 9.68 -20.07 -1.36
CA LEU A 53 9.60 -20.62 -0.02
C LEU A 53 8.57 -21.77 0.05
N ASP A 54 7.42 -21.60 -0.61
CA ASP A 54 6.31 -22.55 -0.49
C ASP A 54 5.36 -22.47 -1.68
N ASP A 55 4.75 -23.62 -2.01
CA ASP A 55 3.84 -23.76 -3.14
C ASP A 55 2.59 -22.88 -3.04
N ARG A 56 2.14 -22.60 -1.82
CA ARG A 56 0.98 -21.75 -1.61
C ARG A 56 1.27 -20.31 -2.04
N PHE A 57 2.53 -19.87 -1.97
CA PHE A 57 2.92 -18.55 -2.47
C PHE A 57 3.16 -18.62 -3.94
N PHE A 58 2.22 -18.09 -4.69
CA PHE A 58 2.27 -18.18 -6.11
C PHE A 58 2.50 -16.79 -6.65
N ARG A 59 3.50 -16.69 -7.52
CA ARG A 59 3.88 -15.45 -8.15
C ARG A 59 2.87 -15.28 -9.26
N CYS A 60 1.77 -14.63 -8.95
CA CYS A 60 0.68 -14.45 -9.91
C CYS A 60 0.87 -13.25 -10.83
N HIS A 61 1.89 -12.44 -10.59
CA HIS A 61 2.12 -11.22 -11.36
C HIS A 61 3.54 -10.83 -11.10
N ASN A 62 4.13 -10.05 -12.00
CA ASN A 62 5.44 -9.44 -11.77
C ASN A 62 5.53 -8.82 -10.38
N SER A 63 4.43 -8.23 -9.92
CA SER A 63 4.44 -7.34 -8.78
C SER A 63 3.71 -7.92 -7.59
N PHE A 64 3.09 -9.10 -7.72
CA PHE A 64 2.31 -9.69 -6.63
C PHE A 64 2.66 -11.16 -6.39
N VAL A 65 2.75 -11.52 -5.13
CA VAL A 65 2.82 -12.91 -4.77
C VAL A 65 1.67 -13.11 -3.83
N VAL A 66 0.78 -14.04 -4.16
CA VAL A 66 -0.42 -14.33 -3.37
C VAL A 66 -0.28 -15.60 -2.56
N ASN A 67 -0.88 -15.64 -1.38
CA ASN A 67 -1.00 -16.87 -0.63
C ASN A 67 -2.27 -17.61 -1.03
N ARG A 68 -2.11 -18.74 -1.71
CA ARG A 68 -3.25 -19.60 -2.12
C ARG A 68 -4.18 -19.91 -0.96
N HIS A 69 -3.61 -20.16 0.22
CA HIS A 69 -4.39 -20.46 1.43
C HIS A 69 -5.35 -19.33 1.85
N ASN A 70 -5.05 -18.09 1.46
CA ASN A 70 -5.88 -16.93 1.81
C ASN A 70 -6.70 -16.32 0.69
N ILE A 71 -6.75 -17.00 -0.45
CA ILE A 71 -7.64 -16.60 -1.51
C ILE A 71 -9.07 -16.89 -1.02
N GLU A 72 -9.93 -15.89 -1.08
CA GLU A 72 -11.35 -16.04 -0.80
C GLU A 72 -12.08 -16.44 -2.07
N SER A 73 -11.74 -15.77 -3.16
CA SER A 73 -12.35 -16.04 -4.47
C SER A 73 -11.48 -15.47 -5.59
N ILE A 74 -11.74 -15.87 -6.82
CA ILE A 74 -10.96 -15.42 -7.98
C ILE A 74 -11.89 -15.12 -9.15
N ASP A 75 -11.86 -13.88 -9.62
CA ASP A 75 -12.49 -13.50 -10.87
C ASP A 75 -11.42 -13.67 -11.93
N SER A 76 -11.33 -14.86 -12.53
CA SER A 76 -10.30 -15.09 -13.56
C SER A 76 -10.67 -14.48 -14.93
N LYS A 77 -11.90 -14.02 -15.11
CA LYS A 77 -12.28 -13.22 -16.27
C LYS A 77 -11.69 -11.79 -16.21
N GLU A 78 -11.88 -11.07 -15.10
CA GLU A 78 -11.15 -9.80 -14.85
C GLU A 78 -9.71 -9.98 -14.34
N ARG A 79 -9.39 -11.20 -13.91
CA ARG A 79 -8.10 -11.53 -13.32
C ARG A 79 -7.81 -10.72 -12.06
N ILE A 80 -8.77 -10.75 -11.15
CA ILE A 80 -8.61 -10.19 -9.81
C ILE A 80 -8.64 -11.34 -8.81
N VAL A 81 -7.68 -11.37 -7.91
CA VAL A 81 -7.63 -12.37 -6.85
C VAL A 81 -8.18 -11.72 -5.58
N TYR A 82 -9.21 -12.30 -4.97
CA TYR A 82 -9.78 -11.77 -3.72
C TYR A 82 -9.25 -12.57 -2.55
N PHE A 83 -8.98 -11.87 -1.45
CA PHE A 83 -8.47 -12.50 -0.25
C PHE A 83 -9.48 -12.42 0.86
N LYS A 84 -9.24 -13.28 1.85
CA LYS A 84 -10.09 -13.45 3.03
C LYS A 84 -10.38 -12.14 3.74
N ASN A 85 -9.38 -11.27 3.75
CA ASN A 85 -9.52 -9.97 4.38
C ASN A 85 -10.13 -8.86 3.51
N LYS A 86 -10.65 -9.21 2.32
CA LYS A 86 -11.30 -8.26 1.41
C LYS A 86 -10.33 -7.31 0.71
N GLU A 87 -9.04 -7.68 0.68
CA GLU A 87 -8.12 -7.05 -0.23
C GLU A 87 -8.15 -7.85 -1.51
N HIS A 88 -7.54 -7.32 -2.56
CA HIS A 88 -7.43 -8.05 -3.80
C HIS A 88 -6.26 -7.55 -4.58
N CYS A 89 -5.71 -8.41 -5.40
CA CYS A 89 -4.68 -8.00 -6.34
C CYS A 89 -5.02 -8.61 -7.67
N TYR A 90 -4.12 -8.46 -8.62
CA TYR A 90 -4.37 -8.86 -9.98
C TYR A 90 -3.41 -9.95 -10.37
N ALA A 91 -3.92 -10.93 -11.10
CA ALA A 91 -3.08 -11.98 -11.67
C ALA A 91 -2.81 -11.60 -13.10
N SER A 92 -1.55 -11.68 -13.52
CA SER A 92 -1.20 -11.31 -14.87
C SER A 92 -1.75 -12.33 -15.84
N VAL A 93 -1.84 -11.87 -17.07
CA VAL A 93 -2.07 -12.72 -18.21
C VAL A 93 -1.37 -14.08 -18.07
N ARG A 94 -0.03 -14.06 -18.02
CA ARG A 94 0.84 -15.27 -18.03
C ARG A 94 0.57 -16.28 -16.89
N ASN A 95 0.16 -15.76 -15.74
CA ASN A 95 0.18 -16.55 -14.53
C ASN A 95 -1.19 -17.00 -14.05
N VAL A 96 -2.23 -16.25 -14.40
CA VAL A 96 -3.59 -16.59 -13.99
C VAL A 96 -3.99 -18.02 -14.36
N LYS A 97 -3.50 -18.49 -15.52
CA LYS A 97 -3.75 -19.85 -16.00
C LYS A 97 -3.39 -20.94 -14.98
N LYS A 98 -2.31 -20.73 -14.23
CA LYS A 98 -1.63 -21.77 -13.43
C LYS A 98 -1.85 -21.75 -11.92
N ILE A 99 -2.75 -20.89 -11.43
CA ILE A 99 -2.90 -20.65 -9.97
C ILE A 99 -3.18 -21.96 -9.22
N VAL D 1 -1.32 19.62 18.51
CA VAL D 1 -1.06 20.88 17.73
C VAL D 1 -1.72 20.84 16.33
N GLU D 2 -1.17 20.02 15.44
CA GLU D 2 -1.79 19.66 14.16
C GLU D 2 -1.97 18.14 14.07
N THR D 3 -2.95 17.62 14.80
CA THR D 3 -3.17 16.18 14.91
C THR D 3 -4.37 15.81 14.07
N ILE D 4 -4.35 14.57 13.57
CA ILE D 4 -5.50 13.97 12.91
C ILE D 4 -5.72 12.54 13.41
N GLU D 5 -6.96 12.15 13.65
CA GLU D 5 -7.29 10.77 13.96
C GLU D 5 -7.53 9.98 12.67
N LEU D 6 -6.86 8.84 12.57
CA LEU D 6 -7.14 7.82 11.55
C LEU D 6 -7.98 6.73 12.17
N LYS D 7 -9.28 6.75 11.86
CA LYS D 7 -10.23 5.91 12.55
C LYS D 7 -10.10 4.48 12.08
N ARG D 8 -9.95 3.53 13.01
CA ARG D 8 -9.70 2.11 12.67
C ARG D 8 -10.59 1.07 13.36
N GLY D 9 -11.69 1.53 13.98
CA GLY D 9 -12.60 0.63 14.69
C GLY D 9 -12.22 0.25 16.11
N SER D 10 -11.38 -0.79 16.23
CA SER D 10 -10.94 -1.32 17.54
C SER D 10 -9.77 -0.52 18.15
N ASN D 11 -9.26 0.44 17.40
CA ASN D 11 -8.53 1.55 17.96
C ASN D 11 -8.59 2.75 16.99
N SER D 12 -7.88 3.81 17.30
CA SER D 12 -7.55 4.77 16.27
C SER D 12 -6.07 5.00 16.31
N VAL D 13 -5.55 5.51 15.21
CA VAL D 13 -4.18 5.95 15.21
C VAL D 13 -4.26 7.45 15.06
N TYR D 14 -3.46 8.17 15.83
CA TYR D 14 -3.44 9.61 15.72
C TYR D 14 -2.06 9.99 15.21
N VAL D 15 -2.00 10.96 14.28
CA VAL D 15 -0.73 11.41 13.69
C VAL D 15 -0.76 12.89 13.50
N GLN D 16 0.42 13.48 13.30
CA GLN D 16 0.53 14.89 12.94
C GLN D 16 0.38 15.02 11.42
N TYR D 17 -0.15 16.16 10.97
CA TYR D 17 -0.28 16.48 9.55
C TYR D 17 0.99 16.13 8.76
N ASP D 18 2.12 16.66 9.22
CA ASP D 18 3.34 16.55 8.46
C ASP D 18 4.08 15.24 8.70
N ASP D 19 3.59 14.39 9.61
CA ASP D 19 4.05 12.97 9.65
C ASP D 19 3.68 12.19 8.35
N ILE D 20 2.65 12.68 7.67
CA ILE D 20 2.04 12.05 6.52
C ILE D 20 2.63 12.58 5.25
N MET D 21 3.13 11.66 4.45
CA MET D 21 3.61 11.96 3.12
C MET D 21 2.40 12.21 2.21
N PHE D 22 1.54 11.19 2.16
CA PHE D 22 0.32 11.23 1.38
C PHE D 22 -0.66 10.12 1.77
N PHE D 23 -1.87 10.24 1.21
CA PHE D 23 -2.91 9.22 1.39
C PHE D 23 -3.20 8.65 0.04
N GLU D 24 -3.54 7.36 0.02
CA GLU D 24 -4.12 6.72 -1.18
C GLU D 24 -5.26 5.77 -0.80
N SER D 25 -6.02 5.36 -1.80
CA SER D 25 -7.10 4.41 -1.62
C SER D 25 -6.61 2.98 -1.37
N SER D 26 -7.24 2.25 -0.46
CA SER D 26 -7.02 0.80 -0.31
C SER D 26 -7.90 -0.05 -1.25
N THR D 27 -7.62 -1.34 -1.40
CA THR D 27 -8.55 -2.29 -2.06
C THR D 27 -9.72 -2.66 -1.16
N LYS D 28 -9.58 -2.41 0.15
CA LYS D 28 -10.67 -2.57 1.11
C LYS D 28 -11.64 -1.39 1.03
N SER D 29 -12.92 -1.72 0.98
CA SER D 29 -14.04 -0.76 0.86
C SER D 29 -14.05 0.39 1.87
N HIS D 30 -14.10 1.62 1.36
CA HIS D 30 -14.08 2.83 2.19
C HIS D 30 -12.86 2.97 3.15
N ARG D 31 -11.75 2.32 2.81
CA ARG D 31 -10.49 2.50 3.53
C ARG D 31 -9.46 3.22 2.69
N LEU D 32 -8.67 4.02 3.37
CA LEU D 32 -7.52 4.65 2.79
C LEU D 32 -6.28 4.06 3.48
N ILE D 33 -5.13 4.43 2.94
CA ILE D 33 -3.85 4.07 3.46
C ILE D 33 -3.10 5.37 3.60
N ALA D 34 -2.73 5.69 4.84
CA ALA D 34 -1.91 6.83 5.12
C ALA D 34 -0.47 6.38 5.01
N HIS D 35 0.28 7.13 4.24
CA HIS D 35 1.69 6.86 4.09
C HIS D 35 2.48 7.84 4.95
N LEU D 36 3.11 7.26 5.97
CA LEU D 36 3.98 8.00 6.89
C LEU D 36 5.41 7.70 6.47
N ASP D 37 6.40 8.23 7.22
CA ASP D 37 7.80 8.18 6.80
C ASP D 37 8.20 6.77 6.43
N ASN D 38 7.96 5.78 7.28
CA ASN D 38 8.18 4.38 6.88
C ASN D 38 7.20 3.38 7.50
N ARG D 39 5.94 3.80 7.59
CA ARG D 39 4.82 2.91 7.88
C ARG D 39 3.60 3.34 7.05
N GLN D 40 2.71 2.39 6.78
CA GLN D 40 1.45 2.66 6.08
C GLN D 40 0.34 2.17 6.95
N ILE D 41 -0.69 2.98 7.06
CA ILE D 41 -1.72 2.74 8.05
C ILE D 41 -3.05 2.70 7.37
N GLU D 42 -3.76 1.58 7.52
CA GLU D 42 -5.10 1.37 6.97
C GLU D 42 -6.13 2.07 7.83
N PHE D 43 -7.06 2.83 7.25
CA PHE D 43 -8.07 3.54 8.05
C PHE D 43 -9.28 3.98 7.28
N TYR D 44 -10.35 4.26 8.03
CA TYR D 44 -11.63 4.69 7.49
C TYR D 44 -11.66 6.19 7.24
N GLY D 45 -11.85 6.60 5.99
CA GLY D 45 -11.93 8.03 5.64
C GLY D 45 -12.20 8.32 4.18
N ASN D 46 -12.29 9.61 3.84
CA ASN D 46 -12.50 10.03 2.47
C ASN D 46 -11.51 11.09 2.12
N LEU D 47 -10.96 10.93 0.93
CA LEU D 47 -9.89 11.78 0.42
C LEU D 47 -10.35 13.24 0.42
N LYS D 48 -11.61 13.45 0.00
CA LYS D 48 -12.15 14.79 -0.16
C LYS D 48 -12.00 15.62 1.12
N GLU D 49 -12.46 15.09 2.25
CA GLU D 49 -12.48 15.89 3.47
C GLU D 49 -11.07 16.19 3.96
N LEU D 50 -10.15 15.28 3.67
CA LEU D 50 -8.75 15.42 4.08
C LEU D 50 -8.05 16.56 3.33
N SER D 51 -8.32 16.67 2.04
CA SER D 51 -7.82 17.81 1.26
C SER D 51 -8.44 19.14 1.73
N GLN D 52 -9.68 19.11 2.24
CA GLN D 52 -10.33 20.30 2.82
C GLN D 52 -9.85 20.68 4.23
N LEU D 53 -9.07 19.84 4.89
CA LEU D 53 -8.53 20.20 6.19
C LEU D 53 -7.50 21.33 6.10
N ASP D 54 -6.63 21.28 5.09
CA ASP D 54 -5.50 22.22 4.97
C ASP D 54 -4.98 22.34 3.55
N ASP D 55 -4.48 23.53 3.22
CA ASP D 55 -4.00 23.86 1.87
C ASP D 55 -2.83 23.00 1.42
N ARG D 56 -2.01 22.56 2.37
CA ARG D 56 -0.87 21.70 2.04
C ARG D 56 -1.32 20.34 1.52
N PHE D 57 -2.51 19.87 1.94
CA PHE D 57 -3.08 18.63 1.40
C PHE D 57 -3.79 18.92 0.13
N PHE D 58 -3.16 18.54 -0.96
CA PHE D 58 -3.68 18.83 -2.25
C PHE D 58 -4.13 17.53 -2.89
N ARG D 59 -5.36 17.55 -3.39
CA ARG D 59 -5.96 16.41 -4.04
C ARG D 59 -5.38 16.42 -5.42
N CYS D 60 -4.26 15.76 -5.61
CA CYS D 60 -3.55 15.77 -6.87
C CYS D 60 -4.07 14.72 -7.86
N HIS D 61 -4.97 13.84 -7.42
CA HIS D 61 -5.47 12.75 -8.25
C HIS D 61 -6.74 12.29 -7.59
N ASN D 62 -7.62 11.65 -8.35
CA ASN D 62 -8.80 10.99 -7.79
C ASN D 62 -8.44 10.17 -6.57
N SER D 63 -7.27 9.53 -6.59
CA SER D 63 -6.93 8.47 -5.67
C SER D 63 -5.82 8.89 -4.70
N PHE D 64 -5.25 10.09 -4.86
CA PHE D 64 -4.14 10.53 -4.01
C PHE D 64 -4.34 11.94 -3.45
N VAL D 65 -3.99 12.09 -2.19
CA VAL D 65 -3.90 13.41 -1.63
C VAL D 65 -2.50 13.50 -1.11
N VAL D 66 -1.76 14.49 -1.57
CA VAL D 66 -0.36 14.67 -1.19
C VAL D 66 -0.18 15.81 -0.19
N ASN D 67 0.78 15.67 0.70
CA ASN D 67 1.16 16.78 1.56
C ASN D 67 2.25 17.60 0.88
N ARG D 68 1.92 18.82 0.46
CA ARG D 68 2.87 19.75 -0.16
C ARG D 68 4.15 19.89 0.67
N HIS D 69 4.01 19.96 1.99
CA HIS D 69 5.15 20.10 2.90
C HIS D 69 6.16 18.94 2.80
N ASN D 70 5.72 17.77 2.36
CA ASN D 70 6.59 16.59 2.23
C ASN D 70 6.97 16.18 0.81
N ILE D 71 6.65 17.02 -0.16
CA ILE D 71 7.14 16.81 -1.51
C ILE D 71 8.64 17.05 -1.47
N GLU D 72 9.41 16.09 -1.97
CA GLU D 72 10.84 16.25 -2.16
C GLU D 72 11.12 16.85 -3.52
N SER D 73 10.43 16.33 -4.53
CA SER D 73 10.58 16.80 -5.91
C SER D 73 9.37 16.40 -6.73
N ILE D 74 9.22 17.00 -7.91
CA ILE D 74 8.09 16.73 -8.80
C ILE D 74 8.58 16.61 -10.24
N ASP D 75 8.36 15.46 -10.85
CA ASP D 75 8.53 15.30 -12.29
C ASP D 75 7.16 15.60 -12.88
N SER D 76 6.91 16.86 -13.24
CA SER D 76 5.60 17.23 -13.82
C SER D 76 5.48 16.84 -15.30
N LYS D 77 6.59 16.45 -15.93
CA LYS D 77 6.52 15.83 -17.26
C LYS D 77 5.94 14.40 -17.23
N GLU D 78 6.47 13.54 -16.37
CA GLU D 78 5.84 12.22 -16.10
C GLU D 78 4.65 12.29 -15.14
N ARG D 79 4.53 13.42 -14.44
CA ARG D 79 3.51 13.63 -13.41
C ARG D 79 3.63 12.62 -12.26
N ILE D 80 4.84 12.53 -11.72
CA ILE D 80 5.12 11.78 -10.52
C ILE D 80 5.50 12.76 -9.42
N VAL D 81 4.90 12.61 -8.25
CA VAL D 81 5.24 13.44 -7.10
C VAL D 81 6.15 12.62 -6.20
N TYR D 82 7.35 13.12 -5.90
CA TYR D 82 8.29 12.42 -5.00
C TYR D 82 8.21 13.02 -3.61
N PHE D 83 8.29 12.16 -2.61
CA PHE D 83 8.22 12.58 -1.22
C PHE D 83 9.53 12.36 -0.54
N LYS D 84 9.67 13.05 0.59
CA LYS D 84 10.87 13.07 1.44
C LYS D 84 11.33 11.67 1.79
N ASN D 85 10.37 10.78 2.01
CA ASN D 85 10.67 9.41 2.36
C ASN D 85 10.92 8.46 1.17
N LYS D 86 11.02 8.99 -0.04
CA LYS D 86 11.32 8.22 -1.26
C LYS D 86 10.13 7.37 -1.74
N GLU D 87 8.93 7.70 -1.28
CA GLU D 87 7.73 7.18 -1.92
C GLU D 87 7.37 8.17 -2.99
N HIS D 88 6.43 7.79 -3.85
CA HIS D 88 5.93 8.70 -4.86
C HIS D 88 4.55 8.29 -5.26
N CYS D 89 3.79 9.25 -5.74
CA CYS D 89 2.51 8.97 -6.32
C CYS D 89 2.40 9.78 -7.58
N TYR D 90 1.23 9.75 -8.20
CA TYR D 90 1.02 10.38 -9.48
C TYR D 90 0.01 11.48 -9.37
N ALA D 91 0.28 12.58 -10.05
CA ALA D 91 -0.66 13.68 -10.14
C ALA D 91 -1.40 13.53 -11.44
N SER D 92 -2.73 13.63 -11.40
CA SER D 92 -3.50 13.47 -12.60
C SER D 92 -3.27 14.64 -13.52
N VAL D 93 -3.59 14.37 -14.77
CA VAL D 93 -3.74 15.38 -15.77
C VAL D 93 -4.30 16.69 -15.21
N ARG D 94 -5.56 16.63 -14.73
CA ARG D 94 -6.33 17.81 -14.27
C ARG D 94 -5.71 18.65 -13.13
N ASN D 95 -4.96 17.97 -12.27
CA ASN D 95 -4.55 18.57 -11.02
C ASN D 95 -3.10 18.96 -10.97
N VAL D 96 -2.24 18.30 -11.75
CA VAL D 96 -0.81 18.60 -11.77
C VAL D 96 -0.52 20.09 -12.03
N LYS D 97 -1.35 20.72 -12.87
CA LYS D 97 -1.25 22.14 -13.19
C LYS D 97 -1.21 23.05 -11.95
N LYS D 98 -1.99 22.70 -10.92
CA LYS D 98 -2.34 23.59 -9.81
C LYS D 98 -1.63 23.34 -8.48
N ILE D 99 -0.65 22.44 -8.45
CA ILE D 99 -0.03 21.98 -7.19
C ILE D 99 0.52 23.17 -6.38
#